data_3DTN
#
_entry.id   3DTN
#
_cell.length_a   70.276
_cell.length_b   49.940
_cell.length_c   77.512
_cell.angle_alpha   90.000
_cell.angle_beta   108.170
_cell.angle_gamma   90.000
#
_symmetry.space_group_name_H-M   'P 1 21 1'
#
loop_
_entity.id
_entity.type
_entity.pdbx_description
1 polymer 'Putative Methyltransferase MM_2633'
2 non-polymer 'CALCIUM ION'
3 non-polymer 'ACETATE ION'
4 water water
#
_entity_poly.entity_id   1
_entity_poly.type   'polypeptide(L)'
_entity_poly.pdbx_seq_one_letter_code
;MSLSEIKRKFDAVSGKYDEQRRKFIPCFDDFYGVSVSIASVDTENPDILDLGAGTGLLSAFLMEKYPEATFTLVDMSEKM
LEIAKNRFRGNLKVKYIEADYSKYDFEEKYDMVVSALSIHHLEDEDKKELYKRSYSILKESGIFINADLVHGETAFIENL
NKTIWRQYVENSGLTEEEIAAGYERSKLDKDIEMNQQLNWLKEAGFRDVSCIYKYYQFAVMFGRKTEGHHHHHH
;
_entity_poly.pdbx_strand_id   A,B
#
loop_
_chem_comp.id
_chem_comp.type
_chem_comp.name
_chem_comp.formula
ACT non-polymer 'ACETATE ION' 'C2 H3 O2 -1'
CA non-polymer 'CALCIUM ION' 'Ca 2'
#
# COMPACT_ATOMS: atom_id res chain seq x y z
N LEU A 3 -5.38 1.73 23.54
CA LEU A 3 -4.72 1.92 24.89
C LEU A 3 -3.21 1.69 24.81
N SER A 4 -2.43 2.73 25.05
CA SER A 4 -0.99 2.55 25.14
C SER A 4 -0.65 1.62 26.29
N GLU A 5 0.48 0.95 26.17
CA GLU A 5 0.96 0.13 27.26
C GLU A 5 2.20 0.74 27.88
N ILE A 6 2.40 2.04 27.65
CA ILE A 6 3.49 2.82 28.25
C ILE A 6 2.94 4.08 28.94
N LYS A 7 3.75 4.63 29.85
CA LYS A 7 3.39 5.82 30.63
C LYS A 7 3.20 7.08 29.76
N ARG A 8 1.97 7.48 29.50
CA ARG A 8 1.70 8.74 28.79
C ARG A 8 1.08 9.77 29.73
N LYS A 9 1.32 11.06 29.49
CA LYS A 9 0.55 12.10 30.18
C LYS A 9 -0.56 12.58 29.25
N PHE A 10 -1.83 12.49 29.71
CA PHE A 10 -2.95 12.98 28.91
C PHE A 10 -2.66 14.40 28.46
N ASP A 11 -3.13 14.76 27.27
CA ASP A 11 -2.99 16.11 26.73
C ASP A 11 -4.13 16.39 25.75
N ALA A 12 -5.07 17.24 26.18
CA ALA A 12 -6.27 17.48 25.40
C ALA A 12 -5.99 17.99 23.99
N VAL A 13 -5.13 18.99 23.89
CA VAL A 13 -4.85 19.62 22.63
C VAL A 13 -4.28 18.65 21.58
N SER A 14 -3.29 17.86 21.97
CA SER A 14 -2.65 16.97 21.00
C SER A 14 -3.63 15.87 20.57
N GLY A 15 -4.56 15.55 21.47
CA GLY A 15 -5.60 14.58 21.17
C GLY A 15 -6.51 15.10 20.08
N LYS A 16 -6.84 16.38 20.15
CA LYS A 16 -7.79 16.92 19.18
C LYS A 16 -7.16 16.99 17.78
N TYR A 17 -5.89 17.39 17.73
CA TYR A 17 -5.13 17.37 16.46
C TYR A 17 -5.04 15.97 15.89
N ASP A 18 -4.88 14.97 16.74
CA ASP A 18 -4.84 13.57 16.28
C ASP A 18 -6.16 13.17 15.64
N GLU A 19 -7.28 13.53 16.28
CA GLU A 19 -8.60 13.17 15.72
C GLU A 19 -8.87 13.82 14.37
N GLN A 20 -8.43 15.06 14.22
CA GLN A 20 -8.62 15.72 12.94
C GLN A 20 -7.75 15.10 11.82
N ARG A 21 -6.53 14.72 12.14
CA ARG A 21 -5.66 14.09 11.14
C ARG A 21 -6.27 12.76 10.69
N ARG A 22 -6.84 12.00 11.60
CA ARG A 22 -7.47 10.77 11.20
C ARG A 22 -8.61 11.08 10.20
N LYS A 23 -9.30 12.20 10.37
CA LYS A 23 -10.34 12.58 9.41
C LYS A 23 -9.82 13.05 8.04
N PHE A 24 -8.57 13.46 7.94
CA PHE A 24 -8.00 13.76 6.62
C PHE A 24 -7.36 12.55 5.91
N ILE A 25 -7.13 11.46 6.64
CA ILE A 25 -6.33 10.38 6.11
C ILE A 25 -7.14 9.14 6.13
N PRO A 26 -7.61 8.72 4.94
CA PRO A 26 -8.50 7.57 4.83
C PRO A 26 -7.84 6.24 5.23
N CYS A 27 -6.51 6.11 5.14
CA CYS A 27 -5.87 4.85 5.52
C CYS A 27 -5.04 5.03 6.80
N PHE A 28 -5.51 5.91 7.69
CA PHE A 28 -4.80 6.29 8.92
C PHE A 28 -4.13 5.17 9.69
N ASP A 29 -4.89 4.14 10.05
CA ASP A 29 -4.38 3.06 10.91
C ASP A 29 -3.21 2.30 10.30
N ASP A 30 -3.38 1.93 9.03
CA ASP A 30 -2.36 1.23 8.31
C ASP A 30 -1.20 2.13 7.92
N PHE A 31 -1.51 3.38 7.57
CA PHE A 31 -0.47 4.34 7.17
C PHE A 31 0.51 4.48 8.32
N TYR A 32 0.00 4.77 9.52
CA TYR A 32 0.86 4.85 10.68
C TYR A 32 1.25 3.45 11.21
N GLY A 33 0.35 2.47 11.09
CA GLY A 33 0.61 1.12 11.61
C GLY A 33 1.81 0.53 10.92
N VAL A 34 1.84 0.62 9.59
CA VAL A 34 2.95 0.05 8.83
C VAL A 34 4.24 0.73 9.10
N SER A 35 4.25 2.06 9.18
CA SER A 35 5.48 2.79 9.53
C SER A 35 6.09 2.29 10.84
N VAL A 36 5.23 1.98 11.82
CA VAL A 36 5.73 1.45 13.12
C VAL A 36 6.23 -0.03 13.03
N SER A 37 5.53 -0.87 12.25
CA SER A 37 5.93 -2.30 12.08
C SER A 37 7.33 -2.42 11.53
N ILE A 38 7.63 -1.57 10.57
CA ILE A 38 8.91 -1.64 9.88
C ILE A 38 10.01 -0.91 10.60
N ALA A 39 9.65 -0.18 11.66
CA ALA A 39 10.67 0.55 12.40
C ALA A 39 11.28 -0.38 13.44
N SER A 40 12.23 -1.19 13.04
CA SER A 40 12.74 -2.20 13.93
C SER A 40 14.23 -2.13 13.90
N VAL A 41 14.85 -1.97 15.07
CA VAL A 41 16.29 -1.92 15.15
C VAL A 41 16.61 -2.69 16.42
N ASP A 42 17.87 -3.10 16.57
CA ASP A 42 18.12 -4.00 17.70
C ASP A 42 17.97 -3.34 19.09
N THR A 43 18.56 -2.18 19.35
CA THR A 43 18.44 -1.63 20.72
C THR A 43 17.01 -1.32 21.16
N GLU A 44 16.80 -1.24 22.47
CA GLU A 44 15.49 -0.87 23.01
C GLU A 44 15.49 0.63 23.34
N ASN A 45 16.67 1.25 23.24
CA ASN A 45 16.80 2.71 23.34
C ASN A 45 17.32 3.31 22.06
N PRO A 46 16.63 3.12 20.92
CA PRO A 46 17.15 3.76 19.72
C PRO A 46 17.15 5.33 19.81
N ASP A 47 18.05 5.96 19.06
CA ASP A 47 17.99 7.41 18.77
C ASP A 47 17.21 7.67 17.46
N ILE A 48 16.05 8.30 17.61
CA ILE A 48 15.12 8.57 16.54
C ILE A 48 15.03 10.09 16.23
N LEU A 49 15.34 10.47 14.98
CA LEU A 49 14.98 11.77 14.40
C LEU A 49 13.63 11.83 13.63
N ASP A 50 12.73 12.67 14.11
CA ASP A 50 11.43 12.93 13.45
C ASP A 50 11.50 14.28 12.66
N LEU A 51 11.59 14.18 11.33
CA LEU A 51 11.68 15.34 10.42
C LEU A 51 10.31 15.88 10.10
N GLY A 52 10.13 17.18 10.31
CA GLY A 52 8.78 17.78 10.16
C GLY A 52 7.78 17.20 11.13
N ALA A 53 8.20 17.11 12.40
CA ALA A 53 7.45 16.32 13.37
C ALA A 53 6.06 16.82 13.74
N GLY A 54 5.76 18.12 13.50
CA GLY A 54 4.42 18.62 13.79
C GLY A 54 4.08 18.51 15.28
N THR A 55 2.91 18.01 15.62
CA THR A 55 2.53 17.78 17.01
C THR A 55 3.12 16.48 17.63
N GLY A 56 3.98 15.79 16.89
CA GLY A 56 4.69 14.66 17.49
C GLY A 56 3.96 13.33 17.32
N LEU A 57 2.89 13.28 16.50
CA LEU A 57 2.11 12.06 16.31
C LEU A 57 2.91 10.81 15.86
N LEU A 58 3.79 10.97 14.89
CA LEU A 58 4.52 9.79 14.43
C LEU A 58 5.44 9.27 15.55
N SER A 59 6.07 10.21 16.28
CA SER A 59 6.93 9.88 17.41
C SER A 59 6.15 9.17 18.52
N ALA A 60 4.93 9.65 18.80
CA ALA A 60 4.11 9.04 19.82
C ALA A 60 3.76 7.60 19.42
N PHE A 61 3.51 7.34 18.13
CA PHE A 61 3.25 5.95 17.71
C PHE A 61 4.50 5.09 17.93
N LEU A 62 5.64 5.62 17.51
CA LEU A 62 6.91 4.97 17.68
C LEU A 62 7.31 4.74 19.15
N MET A 63 6.92 5.64 20.07
CA MET A 63 7.25 5.50 21.51
C MET A 63 6.44 4.34 22.10
N GLU A 64 5.33 3.96 21.48
CA GLU A 64 4.62 2.77 21.94
C GLU A 64 5.48 1.58 21.86
N LYS A 65 6.24 1.47 20.77
CA LYS A 65 7.06 0.33 20.49
C LYS A 65 8.39 0.47 21.17
N TYR A 66 8.89 1.71 21.30
CA TYR A 66 10.16 1.98 21.97
C TYR A 66 10.05 3.03 23.09
N PRO A 67 9.36 2.71 24.18
CA PRO A 67 9.16 3.69 25.27
C PRO A 67 10.44 4.36 25.83
N GLU A 68 11.61 3.71 25.70
CA GLU A 68 12.89 4.29 26.17
C GLU A 68 13.77 4.77 25.05
N ALA A 69 13.21 4.93 23.86
CA ALA A 69 13.96 5.63 22.83
C ALA A 69 14.16 7.12 23.19
N THR A 70 15.16 7.71 22.56
CA THR A 70 15.40 9.13 22.57
C THR A 70 14.88 9.76 21.24
N PHE A 71 14.02 10.77 21.34
CA PHE A 71 13.42 11.41 20.18
C PHE A 71 13.91 12.84 19.99
N THR A 72 14.15 13.23 18.73
CA THR A 72 14.47 14.60 18.37
C THR A 72 13.43 15.05 17.31
N LEU A 73 12.57 16.01 17.69
CA LEU A 73 11.48 16.48 16.83
C LEU A 73 11.93 17.78 16.13
N VAL A 74 11.95 17.80 14.82
CA VAL A 74 12.31 19.01 14.13
C VAL A 74 11.13 19.58 13.32
N ASP A 75 10.84 20.86 13.56
CA ASP A 75 9.76 21.50 12.80
C ASP A 75 10.00 23.00 12.75
N MET A 76 9.63 23.63 11.64
CA MET A 76 9.65 25.08 11.54
C MET A 76 8.65 25.74 12.47
N SER A 77 7.59 25.03 12.86
CA SER A 77 6.54 25.65 13.67
C SER A 77 6.71 25.52 15.20
N GLU A 78 6.96 26.65 15.88
CA GLU A 78 7.03 26.60 17.36
C GLU A 78 5.71 26.22 17.97
N LYS A 79 4.62 26.57 17.29
CA LYS A 79 3.33 26.23 17.81
C LYS A 79 3.15 24.69 17.76
N MET A 80 3.54 24.08 16.64
CA MET A 80 3.43 22.63 16.55
C MET A 80 4.26 22.01 17.67
N LEU A 81 5.52 22.42 17.74
CA LEU A 81 6.47 21.87 18.71
C LEU A 81 6.03 22.03 20.16
N GLU A 82 5.30 23.10 20.46
CA GLU A 82 4.80 23.32 21.82
C GLU A 82 3.66 22.31 22.14
N ILE A 83 2.87 22.01 21.12
CA ILE A 83 1.86 20.98 21.28
C ILE A 83 2.55 19.61 21.57
N ALA A 84 3.60 19.29 20.83
CA ALA A 84 4.42 18.11 21.09
C ALA A 84 5.00 18.07 22.52
N LYS A 85 5.59 19.17 22.97
CA LYS A 85 6.14 19.22 24.37
C LYS A 85 5.08 18.86 25.39
N ASN A 86 3.85 19.34 25.17
CA ASN A 86 2.80 19.05 26.11
C ASN A 86 2.31 17.65 25.88
N ARG A 87 2.44 17.15 24.64
CA ARG A 87 2.07 15.75 24.41
C ARG A 87 3.00 14.89 25.26
N PHE A 88 4.28 15.22 25.28
CA PHE A 88 5.25 14.30 25.90
C PHE A 88 5.67 14.84 27.26
N ARG A 89 4.76 15.56 27.88
CA ARG A 89 5.06 16.16 29.19
C ARG A 89 5.68 15.17 30.15
N GLY A 90 6.83 15.55 30.67
CA GLY A 90 7.52 14.73 31.63
C GLY A 90 8.67 14.11 30.88
N ASN A 91 8.34 13.15 29.99
CA ASN A 91 9.33 12.37 29.27
C ASN A 91 10.57 13.18 29.05
N LEU A 92 11.67 12.71 29.58
CA LEU A 92 12.90 13.48 29.56
C LEU A 92 13.73 13.25 28.32
N LYS A 93 13.33 12.28 27.49
CA LYS A 93 14.21 11.90 26.37
C LYS A 93 13.77 12.41 24.99
N VAL A 94 13.03 13.52 24.97
CA VAL A 94 12.61 14.13 23.73
C VAL A 94 13.33 15.47 23.62
N LYS A 95 14.00 15.75 22.50
CA LYS A 95 14.54 17.07 22.19
C LYS A 95 13.65 17.68 21.09
N TYR A 96 13.58 19.01 21.07
CA TYR A 96 12.77 19.78 20.12
C TYR A 96 13.65 20.80 19.49
N ILE A 97 13.61 20.92 18.16
CA ILE A 97 14.45 21.85 17.44
C ILE A 97 13.56 22.56 16.44
N GLU A 98 13.52 23.92 16.53
CA GLU A 98 12.80 24.72 15.54
C GLU A 98 13.75 25.09 14.46
N ALA A 99 13.50 24.55 13.27
CA ALA A 99 14.39 24.69 12.17
C ALA A 99 13.75 24.07 10.94
N ASP A 100 14.31 24.40 9.80
CA ASP A 100 13.95 23.79 8.52
C ASP A 100 14.82 22.54 8.42
N TYR A 101 14.22 21.38 8.72
CA TYR A 101 14.97 20.12 8.77
C TYR A 101 15.66 19.86 7.47
N SER A 102 15.35 20.65 6.46
CA SER A 102 15.94 20.38 5.15
C SER A 102 17.25 21.10 5.01
N LYS A 103 17.57 22.01 5.95
CA LYS A 103 18.81 22.81 5.91
C LYS A 103 19.66 22.68 7.18
N TYR A 104 19.14 22.02 8.19
CA TYR A 104 19.81 22.02 9.47
C TYR A 104 21.01 21.06 9.43
N ASP A 105 22.07 21.45 10.12
CA ASP A 105 23.30 20.67 10.19
C ASP A 105 23.20 19.65 11.32
N PHE A 106 22.72 18.44 11.03
CA PHE A 106 22.65 17.41 12.07
C PHE A 106 24.03 16.85 12.37
N GLU A 107 24.40 16.81 13.63
CA GLU A 107 25.74 16.33 14.05
C GLU A 107 25.70 14.95 14.73
N GLU A 108 24.58 14.59 15.30
CA GLU A 108 24.54 13.29 15.94
C GLU A 108 24.25 12.21 14.92
N LYS A 109 24.22 10.98 15.38
CA LYS A 109 23.79 9.87 14.55
C LYS A 109 22.56 9.26 15.12
N TYR A 110 21.76 8.69 14.23
CA TYR A 110 20.48 8.15 14.65
C TYR A 110 20.26 6.68 14.15
N ASP A 111 19.46 5.95 14.89
CA ASP A 111 19.02 4.62 14.52
C ASP A 111 17.94 4.71 13.42
N MET A 112 17.14 5.75 13.48
CA MET A 112 16.02 5.96 12.53
C MET A 112 15.88 7.46 12.16
N VAL A 113 15.74 7.75 10.87
CA VAL A 113 15.21 9.07 10.38
C VAL A 113 13.80 8.80 9.85
N VAL A 114 12.79 9.38 10.46
CA VAL A 114 11.45 9.08 10.07
C VAL A 114 10.75 10.39 9.75
N SER A 115 9.66 10.31 9.00
CA SER A 115 8.91 11.50 8.65
C SER A 115 7.52 11.09 8.19
N ALA A 116 6.50 11.90 8.54
CA ALA A 116 5.13 11.68 8.06
C ALA A 116 4.56 12.95 7.46
N LEU A 117 4.19 12.90 6.19
CA LEU A 117 3.42 13.96 5.54
C LEU A 117 4.08 15.32 5.58
N SER A 118 5.37 15.36 5.32
CA SER A 118 6.06 16.63 5.41
C SER A 118 7.01 16.86 4.20
N ILE A 119 7.76 15.83 3.82
CA ILE A 119 8.74 15.99 2.74
C ILE A 119 8.15 16.43 1.39
N HIS A 120 6.89 16.06 1.14
CA HIS A 120 6.24 16.47 -0.12
C HIS A 120 6.08 17.99 -0.24
N HIS A 121 6.25 18.73 0.86
CA HIS A 121 6.28 20.23 0.76
C HIS A 121 7.63 20.83 0.28
N LEU A 122 8.66 19.99 0.10
CA LEU A 122 9.97 20.51 -0.31
C LEU A 122 10.07 20.55 -1.82
N GLU A 123 10.84 21.53 -2.34
CA GLU A 123 11.21 21.55 -3.76
C GLU A 123 12.00 20.28 -4.04
N ASP A 124 11.86 19.74 -5.24
CA ASP A 124 12.53 18.52 -5.62
C ASP A 124 14.00 18.45 -5.33
N GLU A 125 14.74 19.54 -5.50
CA GLU A 125 16.18 19.48 -5.28
C GLU A 125 16.43 19.32 -3.79
N ASP A 126 15.57 19.93 -2.97
CA ASP A 126 15.72 19.75 -1.55
C ASP A 126 15.32 18.32 -1.11
N LYS A 127 14.31 17.71 -1.74
CA LYS A 127 14.00 16.28 -1.47
C LYS A 127 15.24 15.43 -1.74
N LYS A 128 15.70 15.48 -2.99
CA LYS A 128 16.88 14.77 -3.43
C LYS A 128 18.02 14.87 -2.42
N GLU A 129 18.29 16.09 -1.93
CA GLU A 129 19.38 16.40 -1.01
C GLU A 129 19.13 15.97 0.42
N LEU A 130 17.88 16.05 0.85
CA LEU A 130 17.52 15.54 2.17
C LEU A 130 17.82 14.01 2.30
N TYR A 131 17.47 13.26 1.24
CA TYR A 131 17.69 11.81 1.16
C TYR A 131 19.17 11.49 1.30
N LYS A 132 20.00 12.17 0.52
CA LYS A 132 21.47 12.07 0.62
C LYS A 132 21.96 12.29 2.03
N ARG A 133 21.45 13.32 2.68
CA ARG A 133 21.95 13.69 4.01
C ARG A 133 21.41 12.85 5.18
N SER A 134 20.19 12.37 5.02
CA SER A 134 19.61 11.42 5.97
C SER A 134 20.50 10.16 5.99
N TYR A 135 20.94 9.71 4.82
CA TYR A 135 21.89 8.61 4.75
C TYR A 135 23.15 8.86 5.61
N SER A 136 23.71 10.06 5.49
CA SER A 136 24.89 10.46 6.25
C SER A 136 24.74 10.35 7.77
N ILE A 137 23.58 10.70 8.32
CA ILE A 137 23.43 10.82 9.80
C ILE A 137 22.84 9.55 10.42
N LEU A 138 22.69 8.51 9.62
CA LEU A 138 22.18 7.25 10.17
C LEU A 138 23.34 6.39 10.71
N LYS A 139 23.07 5.62 11.76
CA LYS A 139 23.99 4.56 12.23
C LYS A 139 23.93 3.35 11.29
N GLU A 140 24.94 2.48 11.35
CA GLU A 140 24.94 1.26 10.55
C GLU A 140 23.70 0.44 10.88
N SER A 141 23.11 -0.13 9.85
CA SER A 141 21.78 -0.78 9.95
C SER A 141 20.64 0.16 10.35
N GLY A 142 20.89 1.46 10.30
CA GLY A 142 19.83 2.40 10.61
C GLY A 142 18.80 2.44 9.50
N ILE A 143 17.61 2.95 9.79
CA ILE A 143 16.59 2.94 8.74
C ILE A 143 16.00 4.31 8.48
N PHE A 144 15.55 4.51 7.24
CA PHE A 144 14.83 5.68 6.84
C PHE A 144 13.38 5.29 6.51
N ILE A 145 12.42 6.01 7.09
CA ILE A 145 11.01 5.83 6.80
C ILE A 145 10.32 7.17 6.42
N ASN A 146 9.69 7.23 5.26
CA ASN A 146 8.91 8.42 4.92
C ASN A 146 7.52 7.99 4.61
N ALA A 147 6.55 8.37 5.44
CA ALA A 147 5.17 8.07 5.15
C ALA A 147 4.58 9.34 4.53
N ASP A 148 4.30 9.37 3.22
CA ASP A 148 4.10 10.69 2.61
C ASP A 148 3.09 10.59 1.48
N LEU A 149 2.73 11.75 0.96
CA LEU A 149 1.88 11.85 -0.22
C LEU A 149 2.74 11.67 -1.46
N VAL A 150 2.25 10.93 -2.46
CA VAL A 150 2.94 10.79 -3.73
C VAL A 150 2.00 11.23 -4.85
N HIS A 151 2.58 11.68 -5.95
CA HIS A 151 1.81 12.16 -7.06
C HIS A 151 1.38 11.01 -7.95
N GLY A 152 0.26 11.14 -8.66
CA GLY A 152 -0.18 10.03 -9.50
C GLY A 152 0.79 9.94 -10.67
N GLU A 153 0.91 8.75 -11.25
CA GLU A 153 1.87 8.49 -12.33
C GLU A 153 1.52 9.22 -13.61
N THR A 154 0.21 9.47 -13.80
CA THR A 154 -0.30 10.19 -14.90
C THR A 154 -1.46 11.07 -14.41
N ALA A 155 -1.95 11.94 -15.30
CA ALA A 155 -3.05 12.83 -14.99
C ALA A 155 -4.23 12.00 -14.60
N PHE A 156 -4.45 10.91 -15.33
CA PHE A 156 -5.60 10.06 -15.01
C PHE A 156 -5.49 9.48 -13.60
N ILE A 157 -4.31 8.96 -13.22
CA ILE A 157 -4.13 8.32 -11.89
C ILE A 157 -4.18 9.38 -10.77
N GLU A 158 -3.54 10.53 -11.00
CA GLU A 158 -3.71 11.68 -10.13
C GLU A 158 -5.19 12.05 -9.89
N ASN A 159 -6.00 12.09 -10.93
CA ASN A 159 -7.41 12.40 -10.74
C ASN A 159 -8.13 11.31 -9.94
N LEU A 160 -7.80 10.04 -10.23
CA LEU A 160 -8.32 8.91 -9.46
C LEU A 160 -8.01 9.07 -7.97
N ASN A 161 -6.72 9.31 -7.65
CA ASN A 161 -6.28 9.48 -6.24
C ASN A 161 -7.04 10.63 -5.56
N LYS A 162 -7.06 11.80 -6.19
CA LYS A 162 -7.76 12.97 -5.64
C LYS A 162 -9.25 12.79 -5.41
N THR A 163 -9.92 12.18 -6.37
CA THR A 163 -11.33 11.94 -6.28
C THR A 163 -11.64 11.02 -5.14
N ILE A 164 -10.82 9.99 -4.94
CA ILE A 164 -11.05 9.06 -3.85
C ILE A 164 -10.86 9.78 -2.53
N TRP A 165 -9.81 10.57 -2.44
CA TRP A 165 -9.57 11.28 -1.21
C TRP A 165 -10.71 12.30 -0.91
N ARG A 166 -11.13 13.07 -1.91
CA ARG A 166 -12.15 14.11 -1.70
C ARG A 166 -13.46 13.47 -1.21
N GLN A 167 -13.78 12.30 -1.75
CA GLN A 167 -14.92 11.53 -1.29
C GLN A 167 -14.88 11.28 0.21
N TYR A 168 -13.78 10.69 0.67
CA TYR A 168 -13.61 10.36 2.08
C TYR A 168 -13.73 11.61 2.92
N VAL A 169 -13.11 12.66 2.44
CA VAL A 169 -12.95 13.84 3.25
C VAL A 169 -14.30 14.59 3.41
N GLU A 170 -15.16 14.50 2.41
CA GLU A 170 -16.47 15.07 2.53
C GLU A 170 -17.36 14.21 3.43
N ASN A 171 -17.00 12.96 3.72
CA ASN A 171 -17.87 12.15 4.56
C ASN A 171 -17.32 11.76 5.94
N SER A 172 -16.23 12.39 6.35
CA SER A 172 -15.50 11.94 7.54
C SER A 172 -15.79 12.76 8.82
N GLY A 173 -16.48 13.88 8.67
CA GLY A 173 -16.95 14.64 9.82
C GLY A 173 -16.27 15.98 9.94
N LEU A 174 -15.36 16.27 9.02
CA LEU A 174 -14.71 17.58 9.00
C LEU A 174 -15.67 18.69 8.62
N THR A 175 -15.56 19.81 9.31
CA THR A 175 -16.30 21.02 8.98
C THR A 175 -15.90 21.53 7.60
N GLU A 176 -16.77 22.32 6.97
CA GLU A 176 -16.54 22.80 5.62
C GLU A 176 -15.41 23.78 5.65
N GLU A 177 -15.07 24.21 6.85
CA GLU A 177 -13.95 25.11 7.06
C GLU A 177 -12.69 24.26 6.94
N GLU A 178 -12.53 23.38 7.91
CA GLU A 178 -11.42 22.43 7.90
C GLU A 178 -11.21 21.87 6.49
N ILE A 179 -12.27 21.40 5.86
CA ILE A 179 -12.12 20.82 4.53
C ILE A 179 -11.47 21.82 3.57
N ALA A 180 -11.88 23.09 3.66
CA ALA A 180 -11.31 24.10 2.78
C ALA A 180 -9.96 24.59 3.30
N ALA A 181 -9.81 24.64 4.61
CA ALA A 181 -8.49 24.93 5.18
C ALA A 181 -7.43 23.91 4.74
N GLY A 182 -7.82 22.95 3.90
CA GLY A 182 -6.92 21.88 3.47
C GLY A 182 -6.85 21.70 1.97
N TYR A 183 -7.78 22.31 1.25
CA TYR A 183 -7.79 22.21 -0.20
C TYR A 183 -6.99 23.35 -0.84
N LEU A 188 0.70 24.45 -2.10
CA LEU A 188 1.51 23.99 -0.95
C LEU A 188 2.29 22.74 -1.33
N ASP A 189 1.59 21.82 -1.99
CA ASP A 189 2.15 20.53 -2.29
C ASP A 189 3.11 20.57 -3.45
N LYS A 190 4.31 20.03 -3.21
CA LYS A 190 5.19 19.67 -4.32
C LYS A 190 5.33 18.14 -4.40
N ASP A 191 4.22 17.40 -4.33
CA ASP A 191 4.30 15.93 -4.35
C ASP A 191 4.80 15.42 -5.69
N ILE A 192 5.56 14.33 -5.69
CA ILE A 192 5.99 13.74 -6.93
C ILE A 192 5.77 12.26 -6.88
N GLU A 193 5.94 11.59 -8.02
CA GLU A 193 5.58 10.18 -8.14
C GLU A 193 6.49 9.36 -7.29
N MET A 194 5.98 8.22 -6.84
CA MET A 194 6.72 7.38 -5.92
C MET A 194 8.04 6.83 -6.42
N ASN A 195 8.10 6.40 -7.68
CA ASN A 195 9.34 5.76 -8.19
C ASN A 195 10.54 6.66 -8.21
N GLN A 196 10.29 7.92 -8.52
CA GLN A 196 11.30 8.91 -8.52
C GLN A 196 11.86 9.03 -7.10
N GLN A 197 11.00 8.98 -6.09
CA GLN A 197 11.52 9.04 -4.71
C GLN A 197 12.26 7.80 -4.31
N LEU A 198 11.79 6.63 -4.74
CA LEU A 198 12.53 5.42 -4.43
C LEU A 198 13.92 5.51 -5.05
N ASN A 199 13.98 5.87 -6.33
CA ASN A 199 15.25 6.10 -7.02
C ASN A 199 16.21 7.05 -6.32
N TRP A 200 15.71 8.17 -5.83
CA TRP A 200 16.50 9.09 -5.05
C TRP A 200 17.06 8.47 -3.75
N LEU A 201 16.29 7.60 -3.06
CA LEU A 201 16.85 6.88 -1.93
C LEU A 201 17.97 5.94 -2.36
N LYS A 202 17.77 5.19 -3.45
CA LYS A 202 18.83 4.33 -3.95
C LYS A 202 20.09 5.13 -4.32
N GLU A 203 19.91 6.22 -5.06
CA GLU A 203 21.01 7.18 -5.31
C GLU A 203 21.72 7.67 -4.06
N ALA A 204 21.03 7.84 -2.92
CA ALA A 204 21.74 8.33 -1.76
C ALA A 204 22.52 7.21 -1.08
N GLY A 205 22.35 5.97 -1.50
CA GLY A 205 23.10 4.87 -0.95
C GLY A 205 22.25 3.87 -0.18
N PHE A 206 20.98 4.18 0.06
CA PHE A 206 20.13 3.22 0.75
C PHE A 206 19.98 1.89 0.02
N ARG A 207 19.86 0.81 0.80
CA ARG A 207 19.54 -0.52 0.28
C ARG A 207 18.18 -0.95 0.81
N ASP A 208 17.65 -2.01 0.21
CA ASP A 208 16.38 -2.60 0.60
C ASP A 208 15.31 -1.54 0.47
N VAL A 209 15.50 -0.65 -0.50
CA VAL A 209 14.54 0.40 -0.78
C VAL A 209 13.23 -0.19 -1.34
N SER A 210 12.12 0.14 -0.70
CA SER A 210 10.86 -0.47 -1.07
C SER A 210 9.68 0.45 -0.68
N CYS A 211 8.62 0.40 -1.44
CA CYS A 211 7.36 0.90 -0.99
C CYS A 211 6.64 -0.23 -0.25
N ILE A 212 6.46 -0.05 1.07
CA ILE A 212 5.89 -1.12 1.90
C ILE A 212 4.37 -1.05 1.90
N TYR A 213 3.86 0.18 1.85
CA TYR A 213 2.45 0.42 1.90
C TYR A 213 2.08 1.52 0.94
N LYS A 214 0.91 1.39 0.32
CA LYS A 214 0.40 2.43 -0.58
C LYS A 214 -1.11 2.32 -0.59
N TYR A 215 -1.78 3.46 -0.57
CA TYR A 215 -3.24 3.52 -0.68
C TYR A 215 -3.49 4.78 -1.47
N TYR A 216 -3.68 4.65 -2.78
CA TYR A 216 -3.74 5.82 -3.68
C TYR A 216 -2.56 6.78 -3.46
N GLN A 217 -2.79 8.05 -3.10
CA GLN A 217 -1.64 8.94 -2.94
C GLN A 217 -0.82 8.80 -1.66
N PHE A 218 -1.20 7.93 -0.76
CA PHE A 218 -0.47 7.81 0.50
C PHE A 218 0.47 6.61 0.33
N ALA A 219 1.76 6.80 0.62
CA ALA A 219 2.74 5.70 0.48
C ALA A 219 3.72 5.68 1.66
N VAL A 220 4.14 4.50 2.10
CA VAL A 220 5.10 4.41 3.14
C VAL A 220 6.32 3.85 2.47
N MET A 221 7.37 4.66 2.39
CA MET A 221 8.61 4.26 1.73
C MET A 221 9.75 3.99 2.76
N PHE A 222 10.65 3.05 2.45
CA PHE A 222 11.58 2.47 3.42
C PHE A 222 12.94 2.35 2.75
N GLY A 223 14.00 2.56 3.51
CA GLY A 223 15.31 2.27 2.99
C GLY A 223 16.16 1.97 4.21
N ARG A 224 17.29 1.32 3.99
CA ARG A 224 18.16 0.95 5.12
C ARG A 224 19.62 1.20 4.77
N LYS A 225 20.40 1.62 5.75
CA LYS A 225 21.84 1.81 5.60
C LYS A 225 22.59 0.57 6.09
N THR A 226 23.27 -0.11 5.17
CA THR A 226 24.08 -1.28 5.55
C THR A 226 25.35 -1.37 4.72
N SER B 14 -19.27 -21.67 0.34
CA SER B 14 -19.04 -20.37 -0.35
C SER B 14 -18.72 -19.26 0.66
N GLY B 15 -19.66 -19.01 1.57
CA GLY B 15 -19.39 -18.19 2.73
C GLY B 15 -18.17 -18.73 3.46
N LYS B 16 -18.07 -20.05 3.57
CA LYS B 16 -16.94 -20.67 4.29
C LYS B 16 -15.64 -20.50 3.55
N TYR B 17 -15.71 -20.40 2.23
CA TYR B 17 -14.52 -20.18 1.43
C TYR B 17 -14.10 -18.72 1.50
N ASP B 18 -15.07 -17.81 1.57
CA ASP B 18 -14.78 -16.39 1.67
C ASP B 18 -14.14 -16.04 3.05
N GLU B 19 -14.74 -16.55 4.12
CA GLU B 19 -14.29 -16.30 5.48
C GLU B 19 -12.89 -16.89 5.75
N GLN B 20 -12.62 -18.03 5.16
CA GLN B 20 -11.28 -18.60 5.22
C GLN B 20 -10.24 -17.73 4.53
N ARG B 21 -10.58 -17.24 3.33
CA ARG B 21 -9.72 -16.36 2.54
C ARG B 21 -9.37 -15.09 3.30
N ARG B 22 -10.38 -14.49 3.93
CA ARG B 22 -10.15 -13.39 4.84
C ARG B 22 -9.04 -13.73 5.89
N LYS B 23 -8.89 -15.00 6.27
CA LYS B 23 -7.93 -15.28 7.34
C LYS B 23 -6.49 -15.38 6.84
N PHE B 24 -6.30 -15.59 5.54
CA PHE B 24 -4.96 -15.55 4.96
C PHE B 24 -4.60 -14.18 4.39
N ILE B 25 -5.59 -13.30 4.28
CA ILE B 25 -5.39 -12.00 3.65
C ILE B 25 -5.60 -10.88 4.64
N PRO B 26 -4.50 -10.41 5.22
CA PRO B 26 -4.61 -9.38 6.27
C PRO B 26 -5.15 -8.04 5.76
N CYS B 27 -5.15 -7.77 4.47
CA CYS B 27 -5.68 -6.52 4.00
C CYS B 27 -6.92 -6.71 3.13
N PHE B 28 -7.70 -7.77 3.37
CA PHE B 28 -8.85 -8.18 2.60
C PHE B 28 -9.78 -7.05 2.13
N ASP B 29 -10.31 -6.26 3.08
CA ASP B 29 -11.24 -5.20 2.69
C ASP B 29 -10.66 -4.20 1.68
N ASP B 30 -9.50 -3.64 1.95
CA ASP B 30 -8.90 -2.68 0.97
C ASP B 30 -8.37 -3.33 -0.30
N PHE B 31 -7.79 -4.51 -0.17
CA PHE B 31 -7.30 -5.26 -1.31
C PHE B 31 -8.39 -5.47 -2.38
N TYR B 32 -9.54 -6.04 -2.00
CA TYR B 32 -10.68 -6.19 -2.92
C TYR B 32 -11.42 -4.89 -3.09
N GLY B 33 -11.50 -4.08 -2.05
CA GLY B 33 -12.24 -2.81 -2.20
C GLY B 33 -11.56 -1.87 -3.20
N VAL B 34 -10.25 -1.77 -3.15
CA VAL B 34 -9.54 -0.89 -4.13
C VAL B 34 -9.68 -1.43 -5.56
N SER B 35 -9.63 -2.76 -5.72
CA SER B 35 -9.71 -3.38 -7.05
C SER B 35 -11.06 -3.02 -7.65
N VAL B 36 -12.10 -3.04 -6.83
CA VAL B 36 -13.45 -2.69 -7.31
C VAL B 36 -13.59 -1.19 -7.62
N SER B 37 -13.06 -0.38 -6.74
CA SER B 37 -13.13 1.06 -6.91
C SER B 37 -12.48 1.57 -8.21
N ILE B 38 -11.35 1.00 -8.62
CA ILE B 38 -10.69 1.41 -9.85
C ILE B 38 -11.25 0.72 -11.08
N ALA B 39 -12.17 -0.21 -10.89
CA ALA B 39 -12.72 -0.95 -12.01
C ALA B 39 -13.89 -0.15 -12.58
N SER B 40 -13.56 0.82 -13.43
CA SER B 40 -14.53 1.73 -13.98
C SER B 40 -14.24 1.77 -15.46
N VAL B 41 -15.29 1.55 -16.25
CA VAL B 41 -15.20 1.64 -17.67
C VAL B 41 -16.42 2.44 -18.15
N ASP B 42 -16.40 2.85 -19.41
CA ASP B 42 -17.47 3.65 -19.97
C ASP B 42 -18.68 2.90 -20.51
N THR B 43 -19.00 1.78 -19.88
CA THR B 43 -20.19 1.00 -20.15
C THR B 43 -20.70 0.54 -18.82
N GLU B 44 -22.01 0.50 -18.67
CA GLU B 44 -22.60 -0.14 -17.51
C GLU B 44 -22.94 -1.62 -17.77
N ASN B 45 -22.63 -2.05 -18.99
CA ASN B 45 -22.73 -3.46 -19.43
C ASN B 45 -21.38 -4.04 -19.82
N PRO B 46 -20.32 -3.89 -19.02
CA PRO B 46 -19.05 -4.36 -19.55
C PRO B 46 -18.95 -5.86 -19.68
N ASP B 47 -18.09 -6.33 -20.59
CA ASP B 47 -17.72 -7.75 -20.60
C ASP B 47 -16.42 -7.93 -19.82
N ILE B 48 -16.50 -8.74 -18.78
CA ILE B 48 -15.42 -8.91 -17.82
C ILE B 48 -14.88 -10.33 -17.85
N LEU B 49 -13.56 -10.44 -18.02
CA LEU B 49 -12.87 -11.71 -17.97
C LEU B 49 -12.10 -11.81 -16.64
N ASP B 50 -12.40 -12.85 -15.87
CA ASP B 50 -11.84 -13.07 -14.54
C ASP B 50 -10.90 -14.28 -14.60
N LEU B 51 -9.62 -13.99 -14.59
CA LEU B 51 -8.60 -15.03 -14.75
C LEU B 51 -8.26 -15.69 -13.44
N GLY B 52 -8.39 -17.03 -13.36
CA GLY B 52 -8.16 -17.76 -12.09
C GLY B 52 -9.25 -17.40 -11.09
N ALA B 53 -10.49 -17.30 -11.57
CA ALA B 53 -11.63 -16.83 -10.77
C ALA B 53 -11.87 -17.59 -9.47
N GLY B 54 -11.40 -18.84 -9.40
CA GLY B 54 -11.66 -19.57 -8.18
C GLY B 54 -13.15 -19.71 -7.93
N THR B 55 -13.58 -19.47 -6.69
CA THR B 55 -14.96 -19.57 -6.34
C THR B 55 -15.74 -18.32 -6.80
N GLY B 56 -15.07 -17.35 -7.43
CA GLY B 56 -15.77 -16.20 -8.05
C GLY B 56 -15.95 -15.01 -7.10
N LEU B 57 -15.16 -14.98 -6.03
CA LEU B 57 -15.22 -13.87 -5.09
C LEU B 57 -14.91 -12.47 -5.70
N LEU B 58 -13.85 -12.35 -6.46
CA LEU B 58 -13.59 -11.06 -7.12
C LEU B 58 -14.73 -10.63 -8.08
N SER B 59 -15.24 -11.60 -8.85
CA SER B 59 -16.35 -11.32 -9.77
C SER B 59 -17.61 -10.91 -9.01
N ALA B 60 -17.81 -11.45 -7.82
CA ALA B 60 -18.97 -11.09 -6.99
C ALA B 60 -18.92 -9.62 -6.51
N PHE B 61 -17.77 -9.21 -5.96
CA PHE B 61 -17.54 -7.80 -5.59
C PHE B 61 -17.76 -6.88 -6.81
N LEU B 62 -17.27 -7.30 -7.98
CA LEU B 62 -17.42 -6.49 -9.18
C LEU B 62 -18.87 -6.45 -9.65
N MET B 63 -19.58 -7.55 -9.48
CA MET B 63 -21.03 -7.60 -9.78
C MET B 63 -21.87 -6.68 -8.86
N GLU B 64 -21.40 -6.37 -7.66
CA GLU B 64 -22.12 -5.40 -6.88
C GLU B 64 -22.08 -4.06 -7.62
N LYS B 65 -20.91 -3.72 -8.19
CA LYS B 65 -20.78 -2.44 -8.88
C LYS B 65 -21.46 -2.41 -10.28
N TYR B 66 -21.37 -3.52 -11.02
CA TYR B 66 -21.97 -3.62 -12.34
C TYR B 66 -22.89 -4.82 -12.40
N PRO B 67 -24.10 -4.68 -11.85
CA PRO B 67 -25.08 -5.79 -11.86
C PRO B 67 -25.42 -6.28 -13.25
N GLU B 68 -25.24 -5.47 -14.29
CA GLU B 68 -25.63 -5.90 -15.65
C GLU B 68 -24.40 -6.35 -16.49
N ALA B 69 -23.23 -6.44 -15.83
CA ALA B 69 -22.05 -6.89 -16.55
C ALA B 69 -22.19 -8.34 -17.00
N THR B 70 -21.46 -8.68 -18.06
CA THR B 70 -21.17 -10.07 -18.39
C THR B 70 -19.81 -10.56 -17.79
N PHE B 71 -19.81 -11.75 -17.19
CA PHE B 71 -18.60 -12.33 -16.58
C PHE B 71 -18.22 -13.65 -17.24
N THR B 72 -16.92 -13.77 -17.54
CA THR B 72 -16.39 -15.03 -18.00
C THR B 72 -15.34 -15.46 -16.97
N LEU B 73 -15.65 -16.53 -16.23
CA LEU B 73 -14.75 -17.00 -15.18
C LEU B 73 -13.90 -18.11 -15.71
N VAL B 74 -12.58 -17.98 -15.57
CA VAL B 74 -11.70 -19.04 -16.03
C VAL B 74 -10.84 -19.63 -14.92
N ASP B 75 -10.84 -20.96 -14.83
CA ASP B 75 -10.14 -21.63 -13.76
C ASP B 75 -9.93 -23.11 -14.17
N MET B 76 -8.75 -23.62 -13.84
CA MET B 76 -8.45 -25.04 -13.93
C MET B 76 -9.32 -25.90 -13.04
N SER B 77 -9.84 -25.36 -11.94
CA SER B 77 -10.61 -26.19 -11.00
C SER B 77 -12.11 -26.21 -11.25
N GLU B 78 -12.65 -27.38 -11.65
CA GLU B 78 -14.07 -27.51 -11.87
C GLU B 78 -14.76 -27.33 -10.54
N LYS B 79 -14.10 -27.78 -9.48
CA LYS B 79 -14.66 -27.69 -8.14
C LYS B 79 -14.89 -26.23 -7.70
N MET B 80 -13.91 -25.37 -7.94
CA MET B 80 -14.00 -23.94 -7.59
C MET B 80 -15.13 -23.32 -8.41
N LEU B 81 -15.10 -23.59 -9.71
CA LEU B 81 -16.13 -23.08 -10.61
C LEU B 81 -17.54 -23.51 -10.23
N GLU B 82 -17.64 -24.72 -9.71
CA GLU B 82 -18.91 -25.27 -9.26
C GLU B 82 -19.46 -24.44 -8.10
N ILE B 83 -18.58 -24.03 -7.20
CA ILE B 83 -18.92 -23.10 -6.13
C ILE B 83 -19.36 -21.74 -6.72
N ALA B 84 -18.60 -21.19 -7.66
CA ALA B 84 -18.99 -19.98 -8.37
C ALA B 84 -20.41 -20.08 -8.97
N LYS B 85 -20.67 -21.18 -9.69
CA LYS B 85 -22.00 -21.34 -10.34
C LYS B 85 -23.08 -21.26 -9.29
N ASN B 86 -22.87 -21.87 -8.13
CA ASN B 86 -23.89 -21.80 -7.07
C ASN B 86 -23.99 -20.41 -6.48
N ARG B 87 -22.83 -19.78 -6.28
CA ARG B 87 -22.80 -18.39 -5.88
C ARG B 87 -23.66 -17.54 -6.82
N PHE B 88 -23.55 -17.77 -8.12
CA PHE B 88 -24.24 -16.95 -9.12
C PHE B 88 -25.53 -17.56 -9.68
N ARG B 89 -26.10 -18.53 -8.95
CA ARG B 89 -27.28 -19.32 -9.36
C ARG B 89 -28.31 -18.55 -10.17
N GLY B 90 -28.62 -19.02 -11.35
CA GLY B 90 -29.67 -18.35 -12.14
C GLY B 90 -29.24 -17.06 -12.81
N ASN B 91 -27.98 -16.63 -12.65
CA ASN B 91 -27.53 -15.46 -13.38
C ASN B 91 -27.00 -15.91 -14.69
N LEU B 92 -27.75 -15.57 -15.73
CA LEU B 92 -27.51 -15.99 -17.09
C LEU B 92 -26.37 -15.24 -17.72
N LYS B 93 -25.90 -14.16 -17.11
CA LYS B 93 -24.80 -13.39 -17.70
C LYS B 93 -23.41 -13.90 -17.31
N VAL B 94 -23.36 -15.06 -16.64
CA VAL B 94 -22.06 -15.62 -16.25
C VAL B 94 -21.69 -16.87 -17.09
N LYS B 95 -20.50 -16.86 -17.69
CA LYS B 95 -19.99 -18.01 -18.42
C LYS B 95 -18.80 -18.63 -17.64
N TYR B 96 -18.68 -19.96 -17.61
CA TYR B 96 -17.58 -20.67 -16.89
C TYR B 96 -16.72 -21.50 -17.81
N ILE B 97 -15.40 -21.36 -17.74
CA ILE B 97 -14.52 -22.10 -18.62
C ILE B 97 -13.48 -22.76 -17.76
N GLU B 98 -13.38 -24.11 -17.86
CA GLU B 98 -12.34 -24.86 -17.17
C GLU B 98 -11.19 -24.95 -18.10
N ALA B 99 -10.11 -24.26 -17.80
CA ALA B 99 -8.97 -24.23 -18.66
C ALA B 99 -7.85 -23.50 -17.91
N ASP B 100 -6.65 -23.66 -18.45
CA ASP B 100 -5.51 -22.94 -17.99
C ASP B 100 -5.48 -21.61 -18.79
N TYR B 101 -5.76 -20.51 -18.11
CA TYR B 101 -5.87 -19.23 -18.76
C TYR B 101 -4.54 -18.78 -19.37
N SER B 102 -3.44 -19.39 -18.95
CA SER B 102 -2.12 -19.18 -19.58
C SER B 102 -2.09 -19.76 -20.97
N LYS B 103 -2.90 -20.78 -21.20
CA LYS B 103 -2.77 -21.49 -22.47
C LYS B 103 -3.96 -21.26 -23.37
N TYR B 104 -5.02 -20.70 -22.80
CA TYR B 104 -6.27 -20.57 -23.51
C TYR B 104 -6.25 -19.54 -24.62
N ASP B 105 -6.83 -19.90 -25.75
CA ASP B 105 -6.91 -18.96 -26.86
C ASP B 105 -8.22 -18.15 -26.82
N PHE B 106 -8.15 -16.97 -26.20
CA PHE B 106 -9.31 -16.13 -26.04
C PHE B 106 -9.69 -15.47 -27.34
N GLU B 107 -10.92 -15.65 -27.78
CA GLU B 107 -11.26 -15.06 -29.08
C GLU B 107 -12.24 -13.90 -29.00
N GLU B 108 -12.85 -13.66 -27.83
CA GLU B 108 -13.70 -12.50 -27.58
C GLU B 108 -12.88 -11.31 -27.09
N LYS B 109 -13.49 -10.12 -27.10
CA LYS B 109 -12.84 -8.88 -26.62
C LYS B 109 -13.55 -8.45 -25.38
N TYR B 110 -12.83 -7.82 -24.45
CA TYR B 110 -13.39 -7.53 -23.12
C TYR B 110 -13.18 -6.07 -22.76
N ASP B 111 -14.05 -5.51 -21.92
CA ASP B 111 -13.80 -4.19 -21.33
C ASP B 111 -12.81 -4.24 -20.16
N MET B 112 -12.72 -5.39 -19.47
CA MET B 112 -11.88 -5.54 -18.29
C MET B 112 -11.28 -6.90 -18.30
N VAL B 113 -9.98 -6.96 -17.97
CA VAL B 113 -9.35 -8.27 -17.67
C VAL B 113 -8.84 -8.16 -16.23
N VAL B 114 -9.39 -8.96 -15.33
CA VAL B 114 -9.12 -8.82 -13.91
C VAL B 114 -8.68 -10.16 -13.36
N SER B 115 -7.92 -10.13 -12.27
CA SER B 115 -7.45 -11.34 -11.63
C SER B 115 -7.10 -11.01 -10.16
N ALA B 116 -7.35 -11.96 -9.27
CA ALA B 116 -6.89 -11.87 -7.89
C ALA B 116 -6.14 -13.14 -7.49
N LEU B 117 -4.92 -12.95 -6.99
CA LEU B 117 -4.18 -14.04 -6.32
C LEU B 117 -4.05 -15.30 -7.17
N SER B 118 -3.71 -15.12 -8.45
CA SER B 118 -3.58 -16.27 -9.35
C SER B 118 -2.38 -16.16 -10.27
N ILE B 119 -2.08 -14.98 -10.79
CA ILE B 119 -0.99 -14.85 -11.77
C ILE B 119 0.41 -15.17 -11.17
N HIS B 120 0.62 -14.95 -9.86
CA HIS B 120 1.90 -15.33 -9.21
C HIS B 120 2.26 -16.82 -9.26
N HIS B 121 1.32 -17.68 -9.69
CA HIS B 121 1.62 -19.10 -9.87
C HIS B 121 2.23 -19.40 -11.22
N LEU B 122 2.23 -18.45 -12.15
CA LEU B 122 2.84 -18.73 -13.48
C LEU B 122 4.36 -18.55 -13.51
N GLU B 123 5.03 -19.26 -14.43
CA GLU B 123 6.43 -18.99 -14.71
C GLU B 123 6.54 -17.56 -15.18
N ASP B 124 7.69 -16.95 -14.94
CA ASP B 124 7.88 -15.57 -15.29
C ASP B 124 7.62 -15.30 -16.78
N GLU B 125 7.99 -16.24 -17.64
CA GLU B 125 7.79 -16.02 -19.06
C GLU B 125 6.31 -16.05 -19.39
N ASP B 126 5.58 -16.91 -18.71
CA ASP B 126 4.14 -16.96 -18.87
C ASP B 126 3.43 -15.69 -18.40
N LYS B 127 3.94 -15.07 -17.34
CA LYS B 127 3.39 -13.84 -16.78
C LYS B 127 3.53 -12.76 -17.82
N LYS B 128 4.76 -12.64 -18.32
CA LYS B 128 5.08 -11.60 -19.25
C LYS B 128 4.20 -11.72 -20.47
N GLU B 129 4.05 -12.93 -20.97
CA GLU B 129 3.21 -13.14 -22.14
C GLU B 129 1.71 -12.92 -21.84
N LEU B 130 1.26 -13.28 -20.65
CA LEU B 130 -0.14 -13.06 -20.31
C LEU B 130 -0.43 -11.55 -20.27
N TYR B 131 0.50 -10.77 -19.72
CA TYR B 131 0.31 -9.32 -19.72
C TYR B 131 0.21 -8.81 -21.14
N LYS B 132 1.09 -9.31 -21.98
CA LYS B 132 1.03 -8.94 -23.40
C LYS B 132 -0.27 -9.34 -24.08
N ARG B 133 -0.69 -10.58 -23.89
CA ARG B 133 -1.90 -11.09 -24.49
C ARG B 133 -3.14 -10.31 -23.95
N SER B 134 -3.14 -9.97 -22.66
CA SER B 134 -4.28 -9.23 -22.10
C SER B 134 -4.56 -7.89 -22.86
N TYR B 135 -3.50 -7.22 -23.24
CA TYR B 135 -3.64 -5.95 -23.94
C TYR B 135 -4.43 -6.23 -25.24
N SER B 136 -4.15 -7.35 -25.87
CA SER B 136 -4.72 -7.56 -27.21
C SER B 136 -6.12 -8.03 -27.17
N ILE B 137 -6.55 -8.60 -26.06
CA ILE B 137 -7.95 -9.02 -26.01
C ILE B 137 -8.88 -8.03 -25.33
N LEU B 138 -8.35 -6.89 -24.94
CA LEU B 138 -9.21 -5.82 -24.48
C LEU B 138 -9.81 -5.16 -25.71
N LYS B 139 -11.01 -4.63 -25.54
CA LYS B 139 -11.68 -3.90 -26.59
C LYS B 139 -10.82 -2.70 -26.86
N GLU B 140 -11.11 -1.98 -27.94
CA GLU B 140 -10.24 -0.85 -28.29
C GLU B 140 -10.09 0.08 -27.07
N SER B 141 -11.05 0.03 -26.15
CA SER B 141 -10.87 0.58 -24.81
C SER B 141 -11.14 -0.40 -23.68
N GLY B 142 -10.32 -0.36 -22.62
CA GLY B 142 -10.50 -1.23 -21.46
C GLY B 142 -9.40 -1.17 -20.40
N ILE B 143 -9.60 -1.91 -19.32
CA ILE B 143 -8.64 -1.91 -18.20
C ILE B 143 -8.18 -3.31 -17.76
N PHE B 144 -7.00 -3.38 -17.17
CA PHE B 144 -6.45 -4.62 -16.61
C PHE B 144 -6.21 -4.37 -15.12
N ILE B 145 -6.66 -5.29 -14.28
CA ILE B 145 -6.42 -5.21 -12.84
C ILE B 145 -5.88 -6.54 -12.36
N ASN B 146 -4.70 -6.52 -11.77
CA ASN B 146 -4.22 -7.73 -11.09
C ASN B 146 -3.96 -7.37 -9.62
N ALA B 147 -4.76 -7.95 -8.74
CA ALA B 147 -4.53 -7.91 -7.29
C ALA B 147 -3.80 -9.20 -6.90
N ASP B 148 -2.52 -9.13 -6.62
CA ASP B 148 -1.72 -10.37 -6.61
C ASP B 148 -0.59 -10.28 -5.56
N LEU B 149 0.12 -11.38 -5.34
CA LEU B 149 1.21 -11.37 -4.39
C LEU B 149 2.42 -10.92 -5.17
N VAL B 150 3.27 -10.13 -4.55
CA VAL B 150 4.52 -9.68 -5.16
C VAL B 150 5.70 -10.04 -4.24
N HIS B 151 6.86 -10.22 -4.82
CA HIS B 151 8.01 -10.64 -4.08
C HIS B 151 8.75 -9.39 -3.54
N GLY B 152 9.36 -9.49 -2.37
CA GLY B 152 10.21 -8.42 -1.86
C GLY B 152 11.32 -8.03 -2.84
N GLU B 153 11.68 -6.74 -2.82
CA GLU B 153 12.62 -6.16 -3.74
C GLU B 153 14.02 -6.68 -3.43
N THR B 154 14.29 -7.02 -2.18
CA THR B 154 15.56 -7.70 -1.80
C THR B 154 15.16 -8.83 -0.84
N ALA B 155 16.11 -9.72 -0.49
CA ALA B 155 15.86 -10.77 0.47
C ALA B 155 15.43 -10.25 1.82
N PHE B 156 15.99 -9.15 2.28
CA PHE B 156 15.54 -8.54 3.53
C PHE B 156 14.04 -8.13 3.47
N ILE B 157 13.61 -7.51 2.37
CA ILE B 157 12.22 -7.06 2.23
C ILE B 157 11.31 -8.30 2.09
N GLU B 158 11.74 -9.30 1.34
CA GLU B 158 10.96 -10.55 1.28
C GLU B 158 10.71 -11.12 2.69
N ASN B 159 11.79 -11.27 3.49
CA ASN B 159 11.67 -11.70 4.88
C ASN B 159 10.78 -10.80 5.72
N LEU B 160 10.93 -9.48 5.59
CA LEU B 160 10.04 -8.53 6.25
C LEU B 160 8.57 -8.83 5.90
N ASN B 161 8.29 -8.95 4.61
CA ASN B 161 6.91 -9.19 4.16
C ASN B 161 6.38 -10.51 4.72
N LYS B 162 7.16 -11.57 4.59
CA LYS B 162 6.74 -12.87 5.08
C LYS B 162 6.60 -12.96 6.60
N THR B 163 7.53 -12.38 7.36
CA THR B 163 7.42 -12.31 8.83
C THR B 163 6.13 -11.66 9.29
N ILE B 164 5.81 -10.48 8.73
CA ILE B 164 4.56 -9.82 9.10
C ILE B 164 3.34 -10.65 8.72
N TRP B 165 3.35 -11.22 7.52
CA TRP B 165 2.22 -12.05 7.09
C TRP B 165 2.05 -13.32 7.93
N ARG B 166 3.14 -14.02 8.23
CA ARG B 166 3.03 -15.17 9.14
C ARG B 166 2.47 -14.77 10.53
N GLN B 167 2.87 -13.60 11.06
CA GLN B 167 2.35 -13.14 12.34
C GLN B 167 0.86 -13.03 12.25
N TYR B 168 0.39 -12.44 11.16
CA TYR B 168 -1.07 -12.32 10.97
C TYR B 168 -1.78 -13.65 10.86
N VAL B 169 -1.25 -14.54 10.03
CA VAL B 169 -1.86 -15.86 9.81
C VAL B 169 -1.87 -16.70 11.10
N GLU B 170 -0.75 -16.70 11.82
CA GLU B 170 -0.68 -17.46 13.07
C GLU B 170 -1.64 -16.97 14.16
N ASN B 171 -2.08 -15.71 14.02
CA ASN B 171 -3.00 -15.08 14.95
C ASN B 171 -4.36 -14.78 14.37
N SER B 172 -4.73 -15.46 13.29
CA SER B 172 -5.98 -15.17 12.60
C SER B 172 -7.16 -15.94 13.20
N GLY B 173 -6.87 -16.99 13.98
CA GLY B 173 -7.92 -17.80 14.61
C GLY B 173 -7.84 -19.23 14.13
N LEU B 174 -7.12 -19.42 13.03
CA LEU B 174 -6.95 -20.75 12.40
C LEU B 174 -6.19 -21.69 13.30
N THR B 175 -6.47 -22.98 13.16
CA THR B 175 -5.73 -24.03 13.85
C THR B 175 -4.31 -24.20 13.32
N GLU B 176 -3.46 -24.86 14.11
CA GLU B 176 -2.10 -25.21 13.71
C GLU B 176 -2.09 -25.96 12.37
N GLU B 177 -3.06 -26.86 12.19
CA GLU B 177 -3.10 -27.59 10.96
C GLU B 177 -3.62 -26.77 9.79
N GLU B 178 -4.50 -25.79 10.04
CA GLU B 178 -4.94 -24.91 8.96
C GLU B 178 -3.81 -23.93 8.56
N ILE B 179 -3.09 -23.41 9.53
CA ILE B 179 -1.89 -22.61 9.27
C ILE B 179 -0.85 -23.36 8.46
N ALA B 180 -0.41 -24.52 8.95
CA ALA B 180 0.59 -25.28 8.22
C ALA B 180 0.11 -25.67 6.78
N ALA B 181 -1.18 -25.92 6.60
CA ALA B 181 -1.67 -26.33 5.28
C ALA B 181 -1.59 -25.18 4.25
N GLY B 182 -1.90 -23.97 4.74
CA GLY B 182 -1.82 -22.78 3.90
C GLY B 182 -0.37 -22.48 3.57
N TYR B 183 0.53 -22.78 4.49
CA TYR B 183 1.96 -22.58 4.24
C TYR B 183 2.48 -23.57 3.21
N GLU B 184 1.91 -24.77 3.20
CA GLU B 184 2.22 -25.78 2.21
C GLU B 184 1.77 -25.31 0.83
N ARG B 185 0.52 -24.82 0.74
CA ARG B 185 -0.01 -24.29 -0.53
C ARG B 185 0.87 -23.19 -1.11
N SER B 186 1.43 -22.35 -0.24
CA SER B 186 2.28 -21.26 -0.70
C SER B 186 3.68 -21.65 -1.24
N LYS B 187 4.01 -22.94 -1.22
CA LYS B 187 5.34 -23.38 -1.68
C LYS B 187 5.46 -23.43 -3.23
N LEU B 188 4.31 -23.47 -3.91
CA LEU B 188 4.20 -23.34 -5.38
C LEU B 188 4.20 -21.88 -5.93
N ASP B 189 4.50 -20.90 -5.08
CA ASP B 189 4.39 -19.51 -5.51
C ASP B 189 5.59 -19.18 -6.38
N LYS B 190 5.36 -18.38 -7.42
CA LYS B 190 6.45 -17.92 -8.27
C LYS B 190 6.40 -16.39 -8.35
N ASP B 191 6.05 -15.77 -7.24
CA ASP B 191 5.90 -14.31 -7.17
C ASP B 191 7.18 -13.59 -7.61
N ILE B 192 7.03 -12.45 -8.26
CA ILE B 192 8.18 -11.62 -8.60
C ILE B 192 7.92 -10.19 -8.15
N GLU B 193 8.95 -9.36 -8.25
CA GLU B 193 8.92 -7.94 -7.80
C GLU B 193 7.80 -7.12 -8.48
N MET B 194 7.13 -6.28 -7.71
CA MET B 194 6.05 -5.47 -8.30
C MET B 194 6.50 -4.62 -9.48
N ASN B 195 7.63 -3.94 -9.35
CA ASN B 195 8.00 -3.01 -10.40
C ASN B 195 8.27 -3.67 -11.75
N GLN B 196 8.83 -4.88 -11.69
CA GLN B 196 9.06 -5.64 -12.88
C GLN B 196 7.74 -5.95 -13.56
N GLN B 197 6.69 -6.21 -12.79
CA GLN B 197 5.41 -6.46 -13.40
C GLN B 197 4.74 -5.21 -13.96
N LEU B 198 4.96 -4.07 -13.33
CA LEU B 198 4.45 -2.80 -13.91
C LEU B 198 5.15 -2.48 -15.23
N ASN B 199 6.45 -2.76 -15.28
CA ASN B 199 7.26 -2.62 -16.52
C ASN B 199 6.75 -3.49 -17.66
N TRP B 200 6.36 -4.75 -17.37
CA TRP B 200 5.80 -5.62 -18.38
C TRP B 200 4.42 -5.13 -18.90
N LEU B 201 3.66 -4.49 -18.04
CA LEU B 201 2.39 -3.90 -18.49
C LEU B 201 2.64 -2.70 -19.38
N LYS B 202 3.59 -1.86 -19.00
CA LYS B 202 3.92 -0.73 -19.84
C LYS B 202 4.45 -1.21 -21.22
N GLU B 203 5.24 -2.30 -21.21
CA GLU B 203 5.92 -2.85 -22.38
C GLU B 203 4.88 -3.48 -23.28
N ALA B 204 3.74 -3.86 -22.72
CA ALA B 204 2.61 -4.44 -23.48
C ALA B 204 1.76 -3.35 -24.14
N GLY B 205 1.98 -2.09 -23.76
CA GLY B 205 1.20 -0.99 -24.38
C GLY B 205 0.23 -0.30 -23.42
N PHE B 206 0.10 -0.84 -22.22
CA PHE B 206 -0.79 -0.23 -21.23
C PHE B 206 -0.25 1.17 -20.87
N ARG B 207 -1.20 2.08 -20.63
CA ARG B 207 -0.91 3.43 -20.11
C ARG B 207 -1.55 3.60 -18.72
N ASP B 208 -1.22 4.68 -18.01
CA ASP B 208 -1.75 4.92 -16.65
C ASP B 208 -1.46 3.73 -15.78
N VAL B 209 -0.28 3.13 -16.00
CA VAL B 209 0.15 1.97 -15.24
C VAL B 209 0.60 2.37 -13.79
N SER B 210 0.01 1.72 -12.78
CA SER B 210 0.22 2.15 -11.41
C SER B 210 -0.09 1.03 -10.43
N CYS B 211 0.66 0.99 -9.34
CA CYS B 211 0.29 0.22 -8.18
C CYS B 211 -0.62 1.10 -7.33
N ILE B 212 -1.90 0.73 -7.21
CA ILE B 212 -2.89 1.62 -6.54
C ILE B 212 -2.90 1.34 -5.03
N TYR B 213 -2.65 0.07 -4.71
CA TYR B 213 -2.70 -0.39 -3.37
C TYR B 213 -1.56 -1.39 -3.12
N LYS B 214 -0.92 -1.30 -1.96
CA LYS B 214 0.11 -2.20 -1.58
C LYS B 214 0.13 -2.38 -0.07
N TYR B 215 0.17 -3.65 0.36
CA TYR B 215 0.28 -3.95 1.80
C TYR B 215 1.26 -5.11 1.95
N TYR B 216 2.50 -4.78 2.27
CA TYR B 216 3.61 -5.75 2.18
C TYR B 216 3.55 -6.53 0.85
N GLN B 217 3.34 -7.86 0.84
CA GLN B 217 3.37 -8.59 -0.47
C GLN B 217 2.10 -8.52 -1.29
N PHE B 218 1.06 -7.89 -0.76
CA PHE B 218 -0.19 -7.77 -1.51
C PHE B 218 -0.22 -6.46 -2.29
N ALA B 219 -0.44 -6.49 -3.60
CA ALA B 219 -0.46 -5.25 -4.41
C ALA B 219 -1.60 -5.28 -5.44
N VAL B 220 -2.23 -4.15 -5.69
CA VAL B 220 -3.22 -4.03 -6.74
C VAL B 220 -2.57 -3.20 -7.83
N MET B 221 -2.41 -3.81 -8.99
CA MET B 221 -1.69 -3.23 -10.10
C MET B 221 -2.73 -2.96 -11.15
N PHE B 222 -2.60 -1.86 -11.86
CA PHE B 222 -3.63 -1.38 -12.79
C PHE B 222 -3.03 -0.90 -14.10
N GLY B 223 -3.70 -1.18 -15.22
CA GLY B 223 -3.29 -0.53 -16.45
C GLY B 223 -4.49 -0.26 -17.32
N ARG B 224 -4.35 0.68 -18.26
CA ARG B 224 -5.46 1.10 -19.11
C ARG B 224 -5.05 1.04 -20.61
N LYS B 225 -5.97 0.58 -21.45
CA LYS B 225 -5.73 0.57 -22.90
C LYS B 225 -6.57 1.69 -23.47
N THR B 226 -5.95 2.64 -24.13
CA THR B 226 -6.70 3.81 -24.54
C THR B 226 -6.57 4.07 -26.05
CA CA C . 11.01 31.09 15.66
C ACT D . 21.85 17.11 15.86
O ACT D . 22.80 17.89 15.59
OXT ACT D . 21.86 15.94 15.37
CH3 ACT D . 20.76 17.60 16.74
CA CA E . -11.55 -31.36 -16.18
C ACT F . -13.14 -16.40 -25.25
O ACT F . -12.69 -16.90 -26.32
OXT ACT F . -12.89 -15.18 -25.07
CH3 ACT F . -13.95 -17.18 -24.26
#